data_7B8H
#
_entry.id   7B8H
#
_cell.length_a   58.760
_cell.length_b   45.190
_cell.length_c   63.460
_cell.angle_alpha   90.00
_cell.angle_beta   111.94
_cell.angle_gamma   90.00
#
_symmetry.space_group_name_H-M   'P 1 21 1'
#
loop_
_entity.id
_entity.type
_entity.pdbx_description
1 polymer 'Casein kinase II subunit alpha'
2 branched '2-O-sulfo-alpha-L-idopyranuronic acid-(1-4)-2-deoxy-6-O-sulfo-2-(sulfoamino)-alpha-D-glucopyranose-(1-4)-2-O-sulfo-alpha-L-idopyranuronic acid-(1-4)-2-deoxy-6-O-sulfo-2-(sulfoamino)-alpha-D-glucopyranose-(1-4)-2-O-sulfo-alpha-L-idopyranuronic acid'
3 non-polymer GLYCEROL
4 non-polymer 'NICOTINIC ACID'
5 water water
#
_entity_poly.entity_id   1
_entity_poly.type   'polypeptide(L)'
_entity_poly.pdbx_seq_one_letter_code
;MSGPVPSRARVYTDVNTHRPREYWDYESHVVEWGNQDDYQLVRKLGRGKYSEVFEAINITNNEKVVVKILKPVKKKKIKR
EIKILENLRGGPNIITLADIVKDPVSRTPALVFEHVNNTDFKQLYQTLTDYDIRFYMYEILKALDYCHSMGIMHRDVKPH
NVMIDHEHRKLRLIDWGLAEFYHPGQEYNVRVASRYFKGPELLVDYQMYDYSLDMWSLGCMLASMIFRKEPFFHGHDNYD
QLVRIAKVLGTEDLYDYIDKYNIELDPRFNDILGRHSRKRWERFVHSENQHLVSPEALDFLDKLLRYDHQSRLTAREAME
HPYFYTVVKDQARMG
;
_entity_poly.pdbx_strand_id   A
#
loop_
_chem_comp.id
_chem_comp.type
_chem_comp.name
_chem_comp.formula
GOL non-polymer GLYCEROL 'C3 H8 O3'
IDS L-saccharide, alpha linking '2-O-sulfo-alpha-L-idopyranuronic acid' 'C6 H10 O10 S'
NIO non-polymer 'NICOTINIC ACID' 'C6 H5 N O2'
SGN D-saccharide, alpha linking 2-deoxy-6-O-sulfo-2-(sulfoamino)-alpha-D-glucopyranose 'C6 H13 N O11 S2'
#
# COMPACT_ATOMS: atom_id res chain seq x y z
N SER A 2 8.16 4.80 30.46
CA SER A 2 9.19 3.85 30.04
C SER A 2 8.96 3.40 28.60
N GLY A 3 9.64 4.06 27.66
CA GLY A 3 9.66 3.61 26.29
C GLY A 3 8.48 4.12 25.51
N PRO A 4 8.30 3.61 24.29
CA PRO A 4 7.31 4.18 23.37
C PRO A 4 5.88 4.14 23.91
N VAL A 5 5.14 5.20 23.68
N VAL A 5 5.13 5.21 23.63
CA VAL A 5 3.76 5.19 24.15
CA VAL A 5 3.72 5.50 23.94
C VAL A 5 2.89 4.67 23.03
C VAL A 5 2.86 4.73 22.95
N PRO A 6 1.71 4.15 23.35
CA PRO A 6 0.87 3.46 22.37
C PRO A 6 0.16 4.42 21.45
N SER A 7 -0.39 3.86 20.38
CA SER A 7 -1.14 4.58 19.37
C SER A 7 -2.28 3.71 18.90
N ARG A 8 -3.37 4.32 18.44
N ARG A 8 -3.37 4.36 18.46
CA ARG A 8 -4.51 3.59 17.87
CA ARG A 8 -4.56 3.72 17.86
C ARG A 8 -5.04 4.36 16.68
C ARG A 8 -4.90 4.39 16.53
N ALA A 9 -5.48 3.64 15.63
CA ALA A 9 -6.10 4.24 14.46
C ALA A 9 -7.24 5.15 14.89
N ARG A 10 -7.39 6.26 14.17
CA ARG A 10 -8.49 7.17 14.44
C ARG A 10 -9.76 6.87 13.68
N VAL A 11 -9.73 5.90 12.75
CA VAL A 11 -10.92 5.40 12.06
C VAL A 11 -10.84 3.88 12.05
N TYR A 12 -11.99 3.25 11.93
CA TYR A 12 -12.05 1.78 11.79
C TYR A 12 -11.25 1.10 12.90
N THR A 13 -11.29 1.66 14.11
CA THR A 13 -10.38 1.19 15.15
C THR A 13 -10.73 -0.21 15.58
N ASP A 14 -12.03 -0.51 15.69
CA ASP A 14 -12.51 -1.69 16.39
C ASP A 14 -13.21 -2.64 15.45
N VAL A 15 -13.00 -2.53 14.15
N VAL A 15 -12.98 -2.48 14.13
CA VAL A 15 -13.82 -3.37 13.28
CA VAL A 15 -13.65 -3.30 13.13
C VAL A 15 -13.54 -4.86 13.49
C VAL A 15 -13.51 -4.78 13.45
N ASN A 16 -12.29 -5.24 13.74
CA ASN A 16 -12.02 -6.66 13.93
C ASN A 16 -12.49 -7.18 15.29
N THR A 17 -12.54 -6.29 16.29
N THR A 17 -12.53 -6.31 16.31
CA THR A 17 -12.94 -6.72 17.62
CA THR A 17 -12.95 -6.78 17.63
C THR A 17 -14.41 -7.11 17.65
C THR A 17 -14.41 -7.17 17.62
N HIS A 18 -15.20 -6.56 16.73
CA HIS A 18 -16.63 -6.88 16.66
C HIS A 18 -16.94 -8.04 15.72
N ARG A 19 -15.96 -8.54 15.00
CA ARG A 19 -16.18 -9.57 14.03
C ARG A 19 -16.18 -10.93 14.70
N PRO A 20 -16.82 -11.92 14.08
CA PRO A 20 -16.60 -13.30 14.50
C PRO A 20 -15.12 -13.61 14.35
N ARG A 21 -14.60 -14.38 15.32
CA ARG A 21 -13.22 -14.82 15.30
C ARG A 21 -12.81 -15.28 13.91
N GLU A 22 -13.71 -15.98 13.22
CA GLU A 22 -13.42 -16.57 11.92
C GLU A 22 -12.99 -15.53 10.90
N TYR A 23 -13.47 -14.29 11.02
CA TYR A 23 -13.11 -13.26 10.06
C TYR A 23 -11.61 -12.99 10.06
N TRP A 24 -11.01 -12.83 11.23
CA TRP A 24 -9.62 -12.41 11.33
C TRP A 24 -8.66 -13.51 11.77
N ASP A 25 -9.18 -14.65 12.28
CA ASP A 25 -8.32 -15.73 12.73
C ASP A 25 -7.94 -16.62 11.54
N TYR A 26 -7.04 -16.08 10.73
CA TYR A 26 -6.69 -16.73 9.47
C TYR A 26 -6.01 -18.07 9.71
N GLU A 27 -5.34 -18.24 10.84
CA GLU A 27 -4.65 -19.50 11.10
C GLU A 27 -5.64 -20.66 11.20
N SER A 28 -6.87 -20.37 11.62
CA SER A 28 -7.92 -21.39 11.74
C SER A 28 -8.70 -21.60 10.45
N HIS A 29 -8.39 -20.85 9.39
CA HIS A 29 -9.18 -20.90 8.18
C HIS A 29 -8.98 -22.23 7.47
N VAL A 30 -10.07 -22.84 7.04
CA VAL A 30 -10.03 -24.06 6.25
C VAL A 30 -10.16 -23.66 4.79
N VAL A 31 -9.10 -23.88 4.01
CA VAL A 31 -9.13 -23.56 2.59
C VAL A 31 -10.09 -24.50 1.88
N GLU A 32 -10.93 -23.94 1.01
CA GLU A 32 -11.75 -24.72 0.11
C GLU A 32 -11.04 -24.79 -1.24
N TRP A 33 -10.76 -26.00 -1.71
CA TRP A 33 -9.89 -26.20 -2.86
C TRP A 33 -10.71 -26.39 -4.13
N GLY A 34 -10.29 -25.73 -5.20
CA GLY A 34 -10.82 -25.98 -6.53
C GLY A 34 -10.07 -27.10 -7.23
N ASN A 35 -10.33 -27.22 -8.52
N ASN A 35 -10.31 -27.20 -8.54
CA ASN A 35 -9.79 -28.32 -9.33
CA ASN A 35 -9.82 -28.29 -9.38
C ASN A 35 -8.64 -27.78 -10.16
C ASN A 35 -8.64 -27.76 -10.18
N GLN A 36 -7.43 -28.23 -9.86
CA GLN A 36 -6.25 -27.77 -10.60
C GLN A 36 -6.36 -28.08 -12.08
N ASP A 37 -7.15 -29.10 -12.47
CA ASP A 37 -7.30 -29.44 -13.87
C ASP A 37 -8.01 -28.35 -14.67
N ASP A 38 -8.67 -27.39 -14.01
CA ASP A 38 -9.37 -26.35 -14.73
C ASP A 38 -8.42 -25.35 -15.39
N TYR A 39 -7.15 -25.30 -14.96
CA TYR A 39 -6.26 -24.23 -15.38
C TYR A 39 -5.04 -24.79 -16.09
N GLN A 40 -4.66 -24.12 -17.17
CA GLN A 40 -3.46 -24.46 -17.91
C GLN A 40 -2.54 -23.25 -17.90
N LEU A 41 -1.28 -23.46 -17.50
CA LEU A 41 -0.33 -22.37 -17.47
C LEU A 41 0.14 -22.04 -18.89
N VAL A 42 0.22 -20.76 -19.21
CA VAL A 42 0.54 -20.30 -20.55
C VAL A 42 1.97 -19.76 -20.62
N ARG A 43 2.33 -18.86 -19.70
CA ARG A 43 3.67 -18.31 -19.68
C ARG A 43 3.94 -17.73 -18.31
N LYS A 44 5.19 -17.79 -17.91
CA LYS A 44 5.60 -17.18 -16.64
C LYS A 44 5.66 -15.67 -16.80
N LEU A 45 5.05 -14.95 -15.86
CA LEU A 45 5.15 -13.49 -15.88
C LEU A 45 6.23 -12.96 -14.96
N GLY A 46 6.43 -13.58 -13.80
CA GLY A 46 7.49 -13.11 -12.91
C GLY A 46 7.61 -14.02 -11.72
N ARG A 47 8.50 -13.63 -10.81
CA ARG A 47 8.80 -14.42 -9.63
C ARG A 47 9.12 -13.45 -8.51
N GLY A 48 8.32 -13.47 -7.45
CA GLY A 48 8.60 -12.68 -6.27
C GLY A 48 9.48 -13.45 -5.31
N LYS A 49 9.73 -12.83 -4.16
CA LYS A 49 10.43 -13.56 -3.11
C LYS A 49 9.63 -14.78 -2.66
N TYR A 50 8.30 -14.76 -2.82
CA TYR A 50 7.44 -15.75 -2.23
C TYR A 50 6.56 -16.47 -3.22
N SER A 51 6.62 -16.13 -4.51
CA SER A 51 5.69 -16.74 -5.44
C SER A 51 6.24 -16.66 -6.85
N GLU A 52 5.61 -17.41 -7.74
CA GLU A 52 5.82 -17.31 -9.17
C GLU A 52 4.47 -17.08 -9.81
N VAL A 53 4.39 -16.11 -10.74
CA VAL A 53 3.12 -15.68 -11.29
C VAL A 53 3.09 -16.05 -12.76
N PHE A 54 1.94 -16.59 -13.21
CA PHE A 54 1.80 -17.09 -14.58
C PHE A 54 0.53 -16.51 -15.20
N GLU A 55 0.61 -16.15 -16.47
CA GLU A 55 -0.60 -16.10 -17.28
C GLU A 55 -1.07 -17.52 -17.52
N ALA A 56 -2.38 -17.72 -17.42
CA ALA A 56 -2.97 -19.04 -17.52
C ALA A 56 -4.33 -18.90 -18.17
N ILE A 57 -4.96 -20.04 -18.44
CA ILE A 57 -6.29 -20.05 -19.03
C ILE A 57 -7.16 -20.99 -18.21
N ASN A 58 -8.40 -20.61 -17.99
CA ASN A 58 -9.39 -21.52 -17.44
C ASN A 58 -9.95 -22.30 -18.61
N ILE A 59 -9.62 -23.59 -18.69
CA ILE A 59 -10.07 -24.46 -19.79
C ILE A 59 -11.58 -24.59 -19.79
N THR A 60 -12.23 -24.42 -18.62
CA THR A 60 -13.66 -24.64 -18.55
C THR A 60 -14.48 -23.52 -19.19
N ASN A 61 -13.88 -22.35 -19.41
CA ASN A 61 -14.62 -21.28 -20.08
C ASN A 61 -13.74 -20.48 -21.03
N ASN A 62 -12.50 -20.92 -21.27
CA ASN A 62 -11.58 -20.26 -22.20
C ASN A 62 -11.22 -18.84 -21.75
N GLU A 63 -11.40 -18.51 -20.48
CA GLU A 63 -11.11 -17.16 -19.98
C GLU A 63 -9.72 -17.09 -19.40
N LYS A 64 -9.05 -15.96 -19.63
CA LYS A 64 -7.71 -15.78 -19.10
C LYS A 64 -7.78 -15.54 -17.60
N VAL A 65 -6.81 -16.09 -16.88
CA VAL A 65 -6.64 -15.85 -15.46
C VAL A 65 -5.16 -15.62 -15.22
N VAL A 66 -4.84 -15.22 -13.99
CA VAL A 66 -3.48 -15.17 -13.52
C VAL A 66 -3.35 -16.17 -12.37
N VAL A 67 -2.28 -16.93 -12.37
CA VAL A 67 -2.06 -17.94 -11.34
C VAL A 67 -0.81 -17.56 -10.56
N LYS A 68 -0.95 -17.45 -9.25
CA LYS A 68 0.18 -17.14 -8.38
C LYS A 68 0.47 -18.35 -7.52
N ILE A 69 1.56 -19.03 -7.80
CA ILE A 69 1.93 -20.25 -7.09
C ILE A 69 2.81 -19.83 -5.92
N LEU A 70 2.31 -20.06 -4.70
CA LEU A 70 3.00 -19.56 -3.53
C LEU A 70 4.18 -20.47 -3.21
N LYS A 71 5.35 -19.87 -3.02
CA LYS A 71 6.57 -20.63 -2.74
C LYS A 71 6.41 -21.29 -1.38
N PRO A 72 7.36 -22.13 -0.94
CA PRO A 72 7.32 -22.64 0.44
C PRO A 72 6.81 -21.62 1.46
N VAL A 73 7.54 -20.51 1.61
CA VAL A 73 7.09 -19.37 2.42
C VAL A 73 6.93 -19.80 3.89
N LYS A 74 6.84 -18.83 4.80
CA LYS A 74 6.27 -19.12 6.11
C LYS A 74 4.81 -19.49 5.92
N LYS A 75 4.43 -20.71 6.33
CA LYS A 75 3.12 -21.25 5.98
C LYS A 75 1.97 -20.39 6.49
N LYS A 76 2.16 -19.71 7.64
CA LYS A 76 1.13 -18.85 8.19
C LYS A 76 0.77 -17.72 7.24
N LYS A 77 1.74 -17.25 6.44
CA LYS A 77 1.50 -16.13 5.55
C LYS A 77 0.57 -16.52 4.39
N ILE A 78 0.52 -17.80 4.04
CA ILE A 78 -0.36 -18.24 2.95
C ILE A 78 -1.82 -18.11 3.36
N LYS A 79 -2.17 -18.65 4.53
CA LYS A 79 -3.56 -18.51 4.99
C LYS A 79 -3.93 -17.05 5.22
N ARG A 80 -2.96 -16.21 5.62
CA ARG A 80 -3.24 -14.79 5.83
C ARG A 80 -3.66 -14.13 4.52
N GLU A 81 -2.87 -14.33 3.46
CA GLU A 81 -3.21 -13.77 2.16
C GLU A 81 -4.54 -14.30 1.65
N ILE A 82 -4.77 -15.62 1.75
CA ILE A 82 -6.04 -16.18 1.27
C ILE A 82 -7.22 -15.57 2.03
N LYS A 83 -7.14 -15.54 3.37
CA LYS A 83 -8.28 -15.05 4.12
C LYS A 83 -8.55 -13.58 3.81
N ILE A 84 -7.49 -12.76 3.69
CA ILE A 84 -7.65 -11.35 3.35
C ILE A 84 -8.29 -11.21 1.98
N LEU A 85 -7.82 -11.98 1.00
CA LEU A 85 -8.41 -11.89 -0.34
C LEU A 85 -9.87 -12.31 -0.33
N GLU A 86 -10.22 -13.34 0.45
CA GLU A 86 -11.62 -13.76 0.52
C GLU A 86 -12.47 -12.71 1.22
N ASN A 87 -11.93 -12.08 2.28
CA ASN A 87 -12.68 -11.09 3.02
C ASN A 87 -12.95 -9.86 2.16
N LEU A 88 -12.00 -9.51 1.28
CA LEU A 88 -12.11 -8.31 0.48
C LEU A 88 -12.78 -8.54 -0.86
N ARG A 89 -13.10 -9.78 -1.21
CA ARG A 89 -13.53 -10.07 -2.58
C ARG A 89 -14.81 -9.32 -2.91
N GLY A 90 -14.85 -8.71 -4.09
CA GLY A 90 -15.97 -7.91 -4.50
C GLY A 90 -15.88 -6.43 -4.15
N GLY A 91 -14.92 -6.03 -3.31
CA GLY A 91 -14.73 -4.65 -3.00
C GLY A 91 -14.22 -3.82 -4.16
N PRO A 92 -14.42 -2.50 -4.10
CA PRO A 92 -14.03 -1.63 -5.23
C PRO A 92 -12.53 -1.70 -5.50
N ASN A 93 -12.18 -2.05 -6.73
CA ASN A 93 -10.81 -2.02 -7.20
C ASN A 93 -9.89 -2.99 -6.47
N ILE A 94 -10.46 -4.02 -5.82
CA ILE A 94 -9.70 -5.09 -5.18
C ILE A 94 -9.56 -6.24 -6.18
N ILE A 95 -8.34 -6.75 -6.39
CA ILE A 95 -8.21 -7.92 -7.27
C ILE A 95 -9.10 -9.05 -6.75
N THR A 96 -9.74 -9.77 -7.68
CA THR A 96 -10.69 -10.81 -7.33
C THR A 96 -10.00 -12.18 -7.36
N LEU A 97 -9.97 -12.85 -6.22
CA LEU A 97 -9.54 -14.24 -6.12
C LEU A 97 -10.65 -15.13 -6.66
N ALA A 98 -10.40 -15.75 -7.81
CA ALA A 98 -11.38 -16.61 -8.46
C ALA A 98 -11.38 -18.04 -7.95
N ASP A 99 -10.24 -18.53 -7.48
CA ASP A 99 -10.10 -19.95 -7.13
C ASP A 99 -8.79 -20.14 -6.38
N ILE A 100 -8.68 -21.27 -5.69
CA ILE A 100 -7.47 -21.69 -5.01
C ILE A 100 -7.33 -23.16 -5.34
N VAL A 101 -6.20 -23.56 -5.91
CA VAL A 101 -5.96 -24.95 -6.24
C VAL A 101 -4.60 -25.38 -5.68
N LYS A 102 -4.42 -26.69 -5.52
CA LYS A 102 -3.12 -27.22 -5.12
C LYS A 102 -2.31 -27.49 -6.38
N ASP A 103 -1.21 -26.77 -6.56
CA ASP A 103 -0.41 -27.00 -7.77
C ASP A 103 0.23 -28.38 -7.71
N PRO A 104 0.13 -29.19 -8.78
CA PRO A 104 0.66 -30.54 -8.71
C PRO A 104 2.17 -30.63 -8.68
N VAL A 105 2.87 -29.59 -9.13
CA VAL A 105 4.33 -29.67 -9.21
C VAL A 105 4.97 -29.14 -7.92
N SER A 106 4.57 -27.95 -7.49
CA SER A 106 5.10 -27.38 -6.26
C SER A 106 4.46 -28.00 -5.03
N ARG A 107 3.23 -28.51 -5.17
CA ARG A 107 2.45 -29.06 -4.06
C ARG A 107 2.09 -28.01 -3.01
N THR A 108 2.02 -26.75 -3.44
CA THR A 108 1.66 -25.61 -2.62
C THR A 108 0.39 -24.98 -3.16
N PRO A 109 -0.25 -24.08 -2.41
CA PRO A 109 -1.43 -23.40 -2.95
C PRO A 109 -1.08 -22.53 -4.15
N ALA A 110 -1.99 -22.49 -5.10
CA ALA A 110 -1.92 -21.59 -6.25
C ALA A 110 -3.18 -20.76 -6.27
N LEU A 111 -3.02 -19.45 -6.18
CA LEU A 111 -4.13 -18.52 -6.18
C LEU A 111 -4.47 -18.16 -7.62
N VAL A 112 -5.73 -18.26 -7.97
CA VAL A 112 -6.20 -17.96 -9.31
C VAL A 112 -6.95 -16.65 -9.25
N PHE A 113 -6.45 -15.65 -9.98
CA PHE A 113 -7.05 -14.33 -9.96
C PHE A 113 -7.75 -14.04 -11.27
N GLU A 114 -8.82 -13.24 -11.20
CA GLU A 114 -9.42 -12.65 -12.38
C GLU A 114 -8.33 -12.06 -13.26
N HIS A 115 -8.51 -12.18 -14.57
CA HIS A 115 -7.47 -11.68 -15.46
C HIS A 115 -7.34 -10.17 -15.33
N VAL A 116 -6.08 -9.71 -15.29
CA VAL A 116 -5.76 -8.30 -15.44
C VAL A 116 -4.67 -8.20 -16.49
N ASN A 117 -4.72 -7.12 -17.28
CA ASN A 117 -3.65 -6.83 -18.23
C ASN A 117 -2.34 -6.74 -17.49
N ASN A 118 -1.35 -7.54 -17.92
CA ASN A 118 -0.03 -7.53 -17.29
C ASN A 118 0.69 -6.19 -17.48
N THR A 119 0.03 -5.11 -17.08
N THR A 119 0.01 -5.11 -17.10
CA THR A 119 0.58 -3.75 -17.20
CA THR A 119 0.53 -3.75 -17.18
C THR A 119 0.38 -3.07 -15.86
C THR A 119 0.36 -3.18 -15.79
N ASP A 120 1.47 -2.89 -15.13
CA ASP A 120 1.37 -2.25 -13.84
C ASP A 120 1.58 -0.76 -13.97
N PHE A 121 1.19 -0.08 -12.89
CA PHE A 121 1.15 1.35 -12.85
C PHE A 121 2.53 1.96 -13.01
N LYS A 122 3.61 1.21 -12.69
CA LYS A 122 4.93 1.80 -12.83
C LYS A 122 5.24 2.12 -14.29
N GLN A 123 4.62 1.39 -15.23
CA GLN A 123 4.83 1.61 -16.66
C GLN A 123 4.12 2.86 -17.18
N LEU A 124 3.14 3.38 -16.43
CA LEU A 124 2.30 4.49 -16.87
C LEU A 124 2.40 5.75 -16.02
N TYR A 125 2.74 5.63 -14.73
CA TYR A 125 2.45 6.73 -13.81
C TYR A 125 3.34 7.96 -14.00
N GLN A 126 4.43 7.86 -14.75
CA GLN A 126 5.22 9.03 -15.12
C GLN A 126 4.76 9.66 -16.41
N THR A 127 3.68 9.18 -17.03
CA THR A 127 3.26 9.72 -18.31
C THR A 127 1.82 10.22 -18.33
N LEU A 128 1.16 10.29 -17.19
CA LEU A 128 -0.25 10.63 -17.17
C LEU A 128 -0.44 12.14 -17.23
N THR A 129 -1.58 12.55 -17.74
CA THR A 129 -1.99 13.94 -17.61
C THR A 129 -2.40 14.24 -16.16
N ASP A 130 -2.52 15.54 -15.85
CA ASP A 130 -3.03 15.95 -14.54
C ASP A 130 -4.36 15.26 -14.23
N TYR A 131 -5.30 15.29 -15.18
CA TYR A 131 -6.61 14.71 -14.94
C TYR A 131 -6.49 13.23 -14.62
N ASP A 132 -5.67 12.49 -15.36
CA ASP A 132 -5.53 11.06 -15.12
C ASP A 132 -4.83 10.74 -13.81
N ILE A 133 -3.87 11.55 -13.36
CA ILE A 133 -3.31 11.35 -12.02
C ILE A 133 -4.43 11.41 -11.00
N ARG A 134 -5.29 12.45 -11.10
CA ARG A 134 -6.38 12.60 -10.13
C ARG A 134 -7.33 11.43 -10.23
N PHE A 135 -7.69 11.04 -11.47
CA PHE A 135 -8.62 9.93 -11.67
C PHE A 135 -8.10 8.65 -11.06
N TYR A 136 -6.85 8.27 -11.37
CA TYR A 136 -6.37 6.99 -10.86
C TYR A 136 -6.07 7.06 -9.37
N MET A 137 -5.65 8.22 -8.84
N MET A 137 -5.62 8.21 -8.87
CA MET A 137 -5.52 8.32 -7.39
CA MET A 137 -5.52 8.41 -7.42
C MET A 137 -6.84 8.10 -6.68
C MET A 137 -6.83 8.05 -6.75
N TYR A 138 -7.94 8.60 -7.26
CA TYR A 138 -9.24 8.39 -6.65
C TYR A 138 -9.60 6.91 -6.68
N GLU A 139 -9.26 6.22 -7.78
CA GLU A 139 -9.53 4.79 -7.87
C GLU A 139 -8.73 4.02 -6.82
N ILE A 140 -7.46 4.40 -6.61
CA ILE A 140 -6.67 3.71 -5.60
C ILE A 140 -7.29 3.96 -4.22
N LEU A 141 -7.74 5.19 -3.98
CA LEU A 141 -8.34 5.51 -2.67
C LEU A 141 -9.60 4.68 -2.42
N LYS A 142 -10.41 4.41 -3.45
CA LYS A 142 -11.57 3.53 -3.23
C LYS A 142 -11.13 2.18 -2.67
N ALA A 143 -10.04 1.63 -3.20
CA ALA A 143 -9.57 0.34 -2.71
C ALA A 143 -9.05 0.45 -1.30
N LEU A 144 -8.30 1.51 -0.99
CA LEU A 144 -7.73 1.64 0.35
C LEU A 144 -8.82 1.92 1.38
N ASP A 145 -9.77 2.79 1.08
CA ASP A 145 -10.83 2.95 2.07
C ASP A 145 -11.58 1.65 2.28
N TYR A 146 -11.80 0.87 1.22
CA TYR A 146 -12.52 -0.38 1.40
C TYR A 146 -11.74 -1.32 2.32
N CYS A 147 -10.47 -1.55 2.03
CA CYS A 147 -9.75 -2.52 2.85
C CYS A 147 -9.59 -2.01 4.28
N HIS A 148 -9.31 -0.71 4.46
CA HIS A 148 -9.24 -0.18 5.83
C HIS A 148 -10.57 -0.36 6.56
N SER A 149 -11.70 -0.13 5.86
CA SER A 149 -13.02 -0.26 6.50
C SER A 149 -13.31 -1.71 6.85
N MET A 150 -12.63 -2.65 6.21
CA MET A 150 -12.72 -4.07 6.47
C MET A 150 -11.64 -4.54 7.45
N GLY A 151 -10.93 -3.59 8.08
CA GLY A 151 -9.97 -3.97 9.12
C GLY A 151 -8.64 -4.44 8.62
N ILE A 152 -8.24 -4.06 7.41
CA ILE A 152 -7.05 -4.60 6.78
C ILE A 152 -6.16 -3.47 6.30
N MET A 153 -4.86 -3.57 6.59
CA MET A 153 -3.87 -2.68 6.01
C MET A 153 -3.07 -3.39 4.94
N HIS A 154 -2.84 -2.70 3.83
CA HIS A 154 -2.17 -3.37 2.71
C HIS A 154 -0.67 -3.54 2.98
N ARG A 155 0.00 -2.47 3.42
CA ARG A 155 1.40 -2.48 3.85
C ARG A 155 2.40 -2.63 2.72
N ASP A 156 1.96 -2.61 1.46
CA ASP A 156 2.92 -2.66 0.37
C ASP A 156 2.39 -1.85 -0.81
N VAL A 157 1.86 -0.66 -0.52
CA VAL A 157 1.39 0.22 -1.59
C VAL A 157 2.60 0.77 -2.34
N LYS A 158 2.64 0.52 -3.65
CA LYS A 158 3.73 0.95 -4.51
C LYS A 158 3.26 0.75 -5.94
N PRO A 159 3.92 1.38 -6.93
CA PRO A 159 3.37 1.33 -8.30
C PRO A 159 3.27 -0.07 -8.85
N HIS A 160 4.20 -0.97 -8.52
CA HIS A 160 4.12 -2.34 -9.05
C HIS A 160 2.91 -3.11 -8.54
N ASN A 161 2.29 -2.66 -7.45
CA ASN A 161 1.13 -3.35 -6.88
C ASN A 161 -0.19 -2.72 -7.32
N VAL A 162 -0.15 -1.90 -8.36
CA VAL A 162 -1.36 -1.36 -8.95
C VAL A 162 -1.37 -1.82 -10.38
N MET A 163 -2.35 -2.59 -10.75
CA MET A 163 -2.48 -3.03 -12.14
C MET A 163 -3.51 -2.15 -12.82
N ILE A 164 -3.21 -1.71 -14.03
CA ILE A 164 -4.04 -0.72 -14.68
C ILE A 164 -4.35 -1.18 -16.10
N ASP A 165 -5.62 -1.11 -16.46
CA ASP A 165 -6.06 -1.27 -17.86
C ASP A 165 -6.42 0.13 -18.33
N HIS A 166 -5.45 0.79 -18.95
CA HIS A 166 -5.59 2.22 -19.25
C HIS A 166 -6.54 2.44 -20.39
N GLU A 167 -6.66 1.47 -21.29
CA GLU A 167 -7.64 1.54 -22.35
C GLU A 167 -9.06 1.62 -21.80
N HIS A 168 -9.36 0.82 -20.77
CA HIS A 168 -10.68 0.76 -20.16
C HIS A 168 -10.79 1.55 -18.85
N ARG A 169 -9.73 2.26 -18.46
CA ARG A 169 -9.75 3.16 -17.30
C ARG A 169 -10.16 2.42 -16.03
N LYS A 170 -9.54 1.26 -15.83
CA LYS A 170 -9.81 0.37 -14.73
C LYS A 170 -8.49 0.08 -14.01
N LEU A 171 -8.60 -0.09 -12.69
CA LEU A 171 -7.44 -0.28 -11.86
C LEU A 171 -7.75 -1.35 -10.80
N ARG A 172 -6.73 -2.13 -10.43
CA ARG A 172 -6.87 -3.08 -9.33
C ARG A 172 -5.66 -3.01 -8.41
N LEU A 173 -5.91 -3.00 -7.10
CA LEU A 173 -4.84 -3.11 -6.12
C LEU A 173 -4.55 -4.59 -5.86
N ILE A 174 -3.29 -4.99 -6.09
CA ILE A 174 -2.91 -6.41 -6.06
C ILE A 174 -1.87 -6.64 -4.97
N ASP A 175 -1.43 -7.89 -4.88
CA ASP A 175 -0.40 -8.41 -3.98
C ASP A 175 -0.65 -8.10 -2.51
N TRP A 176 -1.58 -8.86 -1.98
CA TRP A 176 -1.98 -8.74 -0.58
C TRP A 176 -1.15 -9.65 0.32
N GLY A 177 0.02 -10.10 -0.15
CA GLY A 177 0.84 -10.99 0.65
C GLY A 177 1.52 -10.37 1.86
N LEU A 178 1.60 -9.03 1.92
CA LEU A 178 2.09 -8.34 3.11
C LEU A 178 0.99 -7.76 3.96
N ALA A 179 -0.25 -7.86 3.53
CA ALA A 179 -1.36 -7.22 4.25
C ALA A 179 -1.61 -7.89 5.61
N GLU A 180 -2.14 -7.12 6.55
CA GLU A 180 -2.43 -7.65 7.88
C GLU A 180 -3.75 -7.09 8.38
N PHE A 181 -4.32 -7.80 9.32
CA PHE A 181 -5.49 -7.34 10.06
C PHE A 181 -5.06 -6.35 11.12
N TYR A 182 -5.79 -5.23 11.20
CA TYR A 182 -5.52 -4.21 12.21
C TYR A 182 -6.25 -4.56 13.50
N HIS A 183 -5.47 -4.71 14.57
CA HIS A 183 -6.02 -4.98 15.91
C HIS A 183 -5.50 -3.87 16.81
N PRO A 184 -6.36 -3.08 17.45
CA PRO A 184 -5.87 -1.92 18.22
C PRO A 184 -4.94 -2.36 19.34
N GLY A 185 -3.79 -1.70 19.40
CA GLY A 185 -2.76 -1.97 20.38
C GLY A 185 -1.78 -3.04 19.98
N GLN A 186 -1.94 -3.66 18.81
CA GLN A 186 -1.02 -4.72 18.41
C GLN A 186 0.25 -4.09 17.86
N GLU A 187 1.38 -4.71 18.18
CA GLU A 187 2.67 -4.34 17.61
C GLU A 187 2.95 -5.17 16.36
N TYR A 188 3.32 -4.51 15.28
CA TYR A 188 3.53 -5.17 14.00
C TYR A 188 4.99 -5.12 13.59
N ASN A 189 5.34 -6.01 12.65
CA ASN A 189 6.67 -6.02 12.07
C ASN A 189 6.88 -4.75 11.26
N VAL A 190 7.99 -4.03 11.51
CA VAL A 190 8.27 -2.84 10.71
C VAL A 190 8.92 -3.13 9.37
N ARG A 191 9.33 -4.37 9.11
CA ARG A 191 9.97 -4.76 7.85
C ARG A 191 8.91 -5.08 6.80
N VAL A 192 8.13 -4.05 6.49
CA VAL A 192 7.12 -4.08 5.45
C VAL A 192 7.33 -2.87 4.56
N ALA A 193 6.60 -2.85 3.43
CA ALA A 193 6.68 -1.79 2.42
C ALA A 193 8.05 -1.77 1.72
N SER A 194 8.06 -1.25 0.52
CA SER A 194 9.28 -1.11 -0.25
C SER A 194 9.97 0.18 0.17
N ARG A 195 11.33 0.19 0.16
CA ARG A 195 12.13 1.25 0.77
C ARG A 195 11.57 2.64 0.52
N TYR A 196 11.34 2.99 -0.74
CA TYR A 196 11.02 4.38 -1.03
C TYR A 196 9.61 4.75 -0.56
N PHE A 197 8.79 3.76 -0.20
CA PHE A 197 7.41 3.94 0.20
C PHE A 197 7.22 3.70 1.69
N LYS A 198 8.30 3.45 2.43
CA LYS A 198 8.17 3.16 3.86
C LYS A 198 7.86 4.44 4.66
N GLY A 199 6.85 4.39 5.54
CA GLY A 199 6.55 5.52 6.39
C GLY A 199 7.58 5.72 7.50
N PRO A 200 7.69 6.97 7.98
CA PRO A 200 8.60 7.26 9.09
C PRO A 200 8.41 6.33 10.27
N GLU A 201 7.18 5.87 10.54
CA GLU A 201 6.99 4.95 11.65
C GLU A 201 7.85 3.70 11.49
N LEU A 202 7.95 3.19 10.28
CA LEU A 202 8.76 2.01 10.04
C LEU A 202 10.24 2.34 10.19
N LEU A 203 10.64 3.50 9.69
CA LEU A 203 12.04 3.86 9.66
C LEU A 203 12.60 4.19 11.04
N VAL A 204 11.75 4.58 12.00
CA VAL A 204 12.15 4.82 13.37
C VAL A 204 11.79 3.66 14.28
N ASP A 205 11.33 2.54 13.71
CA ASP A 205 11.09 1.31 14.45
C ASP A 205 9.93 1.45 15.44
N TYR A 206 8.85 2.10 15.03
CA TYR A 206 7.64 2.25 15.85
C TYR A 206 6.63 1.20 15.39
N GLN A 207 6.31 0.24 16.26
CA GLN A 207 5.59 -0.95 15.83
C GLN A 207 4.07 -0.83 15.90
N MET A 208 3.52 0.13 16.64
CA MET A 208 2.08 0.16 16.83
C MET A 208 1.41 1.07 15.78
N TYR A 209 1.66 0.73 14.51
CA TYR A 209 1.18 1.52 13.38
C TYR A 209 -0.19 1.00 12.89
N ASP A 210 -0.74 1.64 11.87
CA ASP A 210 -2.12 1.30 11.49
C ASP A 210 -2.29 1.57 9.98
N TYR A 211 -3.55 1.64 9.54
CA TYR A 211 -3.92 1.94 8.16
C TYR A 211 -3.21 3.13 7.59
N SER A 212 -2.89 4.13 8.43
CA SER A 212 -2.27 5.36 7.95
C SER A 212 -0.89 5.14 7.33
N LEU A 213 -0.24 3.98 7.55
CA LEU A 213 0.97 3.66 6.82
C LEU A 213 0.70 3.69 5.33
N ASP A 214 -0.45 3.13 4.90
CA ASP A 214 -0.75 3.07 3.48
C ASP A 214 -0.93 4.47 2.90
N MET A 215 -1.37 5.42 3.73
CA MET A 215 -1.56 6.79 3.24
C MET A 215 -0.24 7.52 3.04
N TRP A 216 0.80 7.24 3.86
CA TRP A 216 2.13 7.71 3.55
C TRP A 216 2.58 7.15 2.21
N SER A 217 2.49 5.82 2.02
CA SER A 217 2.94 5.23 0.77
C SER A 217 2.24 5.87 -0.42
N LEU A 218 0.91 6.09 -0.28
CA LEU A 218 0.17 6.75 -1.34
C LEU A 218 0.71 8.15 -1.61
N GLY A 219 1.05 8.87 -0.55
CA GLY A 219 1.64 10.19 -0.72
C GLY A 219 2.95 10.13 -1.48
N CYS A 220 3.77 9.12 -1.22
CA CYS A 220 5.02 8.99 -1.96
C CYS A 220 4.75 8.76 -3.45
N MET A 221 3.71 7.97 -3.77
CA MET A 221 3.34 7.79 -5.17
C MET A 221 2.87 9.10 -5.79
N LEU A 222 2.01 9.82 -5.07
CA LEU A 222 1.51 11.09 -5.58
C LEU A 222 2.65 12.07 -5.85
N ALA A 223 3.57 12.22 -4.90
CA ALA A 223 4.68 13.13 -5.08
C ALA A 223 5.52 12.76 -6.30
N SER A 224 5.75 11.46 -6.48
N SER A 224 5.75 11.46 -6.50
CA SER A 224 6.52 11.03 -7.64
CA SER A 224 6.53 11.03 -7.65
C SER A 224 5.81 11.39 -8.95
C SER A 224 5.82 11.34 -8.96
N MET A 225 4.49 11.26 -8.98
CA MET A 225 3.73 11.55 -10.20
C MET A 225 3.65 13.04 -10.47
N ILE A 226 3.30 13.86 -9.47
CA ILE A 226 3.07 15.30 -9.79
C ILE A 226 4.38 16.03 -9.99
N PHE A 227 5.49 15.56 -9.39
CA PHE A 227 6.78 16.20 -9.56
C PHE A 227 7.67 15.50 -10.58
N ARG A 228 7.23 14.35 -11.14
CA ARG A 228 8.03 13.61 -12.12
C ARG A 228 9.41 13.31 -11.54
N LYS A 229 9.41 12.73 -10.34
CA LYS A 229 10.65 12.45 -9.62
C LYS A 229 10.52 11.01 -9.12
N GLU A 230 11.35 10.11 -9.62
CA GLU A 230 11.16 8.71 -9.30
C GLU A 230 12.43 8.17 -8.66
N PRO A 231 12.41 7.81 -7.38
CA PRO A 231 11.34 8.06 -6.42
C PRO A 231 11.44 9.47 -5.86
N PHE A 232 10.42 9.85 -5.10
CA PHE A 232 10.47 11.18 -4.50
C PHE A 232 11.52 11.24 -3.40
N PHE A 233 11.52 10.25 -2.50
CA PHE A 233 12.48 10.16 -1.40
C PHE A 233 13.45 9.03 -1.75
N HIS A 234 14.67 9.38 -2.15
CA HIS A 234 15.56 8.43 -2.79
C HIS A 234 16.69 8.02 -1.85
N GLY A 235 16.34 7.20 -0.86
CA GLY A 235 17.34 6.76 0.11
C GLY A 235 18.20 5.64 -0.42
N HIS A 236 19.46 5.62 -0.01
CA HIS A 236 20.33 4.53 -0.44
C HIS A 236 20.17 3.29 0.42
N ASP A 237 19.60 3.41 1.60
CA ASP A 237 19.29 2.30 2.51
C ASP A 237 18.19 2.81 3.43
N ASN A 238 17.77 1.99 4.40
CA ASN A 238 16.63 2.38 5.23
C ASN A 238 16.97 3.54 6.15
N TYR A 239 18.24 3.76 6.45
CA TYR A 239 18.61 4.88 7.32
C TYR A 239 18.64 6.17 6.52
N ASP A 240 19.34 6.15 5.38
CA ASP A 240 19.33 7.31 4.50
C ASP A 240 17.94 7.65 4.02
N GLN A 241 17.03 6.67 3.96
CA GLN A 241 15.66 6.97 3.59
C GLN A 241 15.04 8.01 4.53
N LEU A 242 15.25 7.85 5.85
CA LEU A 242 14.74 8.84 6.78
C LEU A 242 15.43 10.19 6.57
N VAL A 243 16.73 10.20 6.29
CA VAL A 243 17.43 11.46 6.03
C VAL A 243 16.83 12.17 4.82
N ARG A 244 16.53 11.41 3.75
CA ARG A 244 15.95 12.01 2.57
C ARG A 244 14.60 12.63 2.90
N ILE A 245 13.81 11.97 3.75
CA ILE A 245 12.54 12.56 4.18
C ILE A 245 12.78 13.84 4.97
N ALA A 246 13.75 13.80 5.90
CA ALA A 246 14.03 14.97 6.73
C ALA A 246 14.52 16.16 5.92
N LYS A 247 15.16 15.92 4.76
CA LYS A 247 15.61 17.04 3.93
C LYS A 247 14.44 17.77 3.30
N VAL A 248 13.27 17.15 3.25
CA VAL A 248 12.06 17.78 2.73
C VAL A 248 11.17 18.30 3.86
N LEU A 249 10.86 17.43 4.85
CA LEU A 249 9.93 17.79 5.91
C LEU A 249 10.57 18.47 7.11
N GLY A 250 11.90 18.43 7.19
CA GLY A 250 12.63 19.08 8.27
C GLY A 250 12.85 18.16 9.46
N THR A 251 13.90 18.47 10.22
CA THR A 251 14.21 17.66 11.39
C THR A 251 13.41 18.06 12.64
N GLU A 252 12.97 19.32 12.77
CA GLU A 252 12.26 19.70 14.00
C GLU A 252 10.95 18.92 14.13
N ASP A 253 10.19 18.80 13.04
CA ASP A 253 8.96 18.01 13.13
C ASP A 253 9.25 16.52 13.35
N LEU A 254 10.40 16.03 12.86
CA LEU A 254 10.78 14.64 13.09
C LEU A 254 11.06 14.43 14.57
N TYR A 255 11.85 15.31 15.18
CA TYR A 255 12.09 15.17 16.61
C TYR A 255 10.82 15.35 17.42
N ASP A 256 9.89 16.21 16.97
CA ASP A 256 8.63 16.34 17.71
C ASP A 256 7.81 15.06 17.65
N TYR A 257 7.87 14.37 16.51
CA TYR A 257 7.19 13.09 16.33
C TYR A 257 7.79 12.04 17.24
N ILE A 258 9.13 11.92 17.22
CA ILE A 258 9.86 11.02 18.11
C ILE A 258 9.50 11.32 19.55
N ASP A 259 9.51 12.61 19.92
N ASP A 259 9.42 12.61 19.90
CA ASP A 259 9.19 13.01 21.29
CA ASP A 259 9.18 12.96 21.29
C ASP A 259 7.76 12.58 21.66
C ASP A 259 7.74 12.65 21.70
N LYS A 260 6.79 12.87 20.79
CA LYS A 260 5.38 12.56 21.08
C LYS A 260 5.18 11.08 21.39
N TYR A 261 5.75 10.20 20.57
CA TYR A 261 5.55 8.76 20.78
C TYR A 261 6.61 8.15 21.66
N ASN A 262 7.49 8.97 22.24
CA ASN A 262 8.50 8.52 23.21
C ASN A 262 9.40 7.45 22.58
N ILE A 263 9.76 7.66 21.31
CA ILE A 263 10.58 6.72 20.54
C ILE A 263 12.04 7.00 20.87
N GLU A 264 12.82 5.92 21.01
CA GLU A 264 14.27 6.01 21.14
C GLU A 264 14.84 5.87 19.72
N LEU A 265 15.29 6.98 19.15
N LEU A 265 15.31 6.98 19.16
CA LEU A 265 15.84 6.93 17.78
CA LEU A 265 15.90 6.93 17.83
C LEU A 265 17.19 6.19 17.79
C LEU A 265 17.18 6.09 17.85
N ASP A 266 17.37 5.30 16.80
CA ASP A 266 18.61 4.54 16.67
C ASP A 266 19.78 5.53 16.70
N PRO A 267 20.78 5.33 17.54
CA PRO A 267 21.90 6.28 17.62
C PRO A 267 22.67 6.40 16.32
N ARG A 268 22.50 5.50 15.35
CA ARG A 268 23.26 5.70 14.12
C ARG A 268 22.76 6.91 13.36
N PHE A 269 21.57 7.41 13.67
CA PHE A 269 21.07 8.62 13.03
C PHE A 269 21.81 9.88 13.49
N ASN A 270 22.52 9.85 14.64
CA ASN A 270 23.08 11.09 15.17
C ASN A 270 24.10 11.71 14.23
N ASP A 271 24.89 10.87 13.56
CA ASP A 271 25.91 11.36 12.63
C ASP A 271 25.41 11.63 11.21
N ILE A 272 24.17 11.27 10.85
CA ILE A 272 23.70 11.41 9.47
C ILE A 272 22.48 12.32 9.30
N LEU A 273 21.65 12.52 10.32
CA LEU A 273 20.40 13.22 10.13
C LEU A 273 20.60 14.72 9.90
N GLY A 274 21.57 15.34 10.54
CA GLY A 274 21.80 16.76 10.36
C GLY A 274 20.67 17.61 10.93
N ARG A 275 20.64 18.85 10.46
CA ARG A 275 19.58 19.80 10.81
C ARG A 275 19.02 20.35 9.52
N HIS A 276 17.71 20.23 9.35
CA HIS A 276 17.05 20.61 8.09
C HIS A 276 15.77 21.33 8.40
N SER A 277 15.46 22.36 7.64
CA SER A 277 14.15 22.99 7.77
C SER A 277 13.23 22.45 6.69
N ARG A 278 11.94 22.45 6.98
CA ARG A 278 10.96 22.08 5.97
C ARG A 278 11.11 22.94 4.72
N LYS A 279 10.99 22.30 3.55
CA LYS A 279 11.03 23.02 2.31
C LYS A 279 9.59 23.28 1.88
N ARG A 280 9.35 24.43 1.31
CA ARG A 280 8.05 24.67 0.71
C ARG A 280 7.93 23.82 -0.55
N TRP A 281 6.71 23.31 -0.83
CA TRP A 281 6.55 22.35 -1.92
C TRP A 281 6.89 22.94 -3.29
N GLU A 282 6.84 24.25 -3.43
CA GLU A 282 7.26 24.89 -4.67
C GLU A 282 8.70 24.60 -5.04
N ARG A 283 9.55 24.22 -4.08
CA ARG A 283 10.93 23.91 -4.43
C ARG A 283 11.02 22.78 -5.45
N PHE A 284 9.99 21.93 -5.56
CA PHE A 284 10.04 20.73 -6.39
C PHE A 284 9.35 20.94 -7.71
N VAL A 285 8.79 22.11 -7.94
CA VAL A 285 8.08 22.44 -9.17
C VAL A 285 9.09 22.99 -10.17
N HIS A 286 9.00 22.54 -11.43
CA HIS A 286 9.87 23.02 -12.48
C HIS A 286 9.12 22.97 -13.80
N SER A 287 9.78 23.38 -14.87
CA SER A 287 9.10 23.55 -16.15
C SER A 287 8.52 22.24 -16.65
N GLU A 288 9.13 21.11 -16.30
CA GLU A 288 8.68 19.85 -16.85
C GLU A 288 7.45 19.30 -16.12
N ASN A 289 7.27 19.66 -14.85
CA ASN A 289 6.17 19.11 -14.08
C ASN A 289 5.07 20.12 -13.74
N GLN A 290 5.23 21.38 -14.12
CA GLN A 290 4.36 22.40 -13.55
C GLN A 290 2.90 22.18 -13.97
N HIS A 291 2.65 21.55 -15.11
CA HIS A 291 1.28 21.31 -15.54
C HIS A 291 0.56 20.28 -14.69
N LEU A 292 1.28 19.53 -13.85
CA LEU A 292 0.72 18.52 -12.96
C LEU A 292 0.52 19.06 -11.55
N VAL A 293 0.97 20.27 -11.27
CA VAL A 293 0.94 20.83 -9.93
C VAL A 293 -0.11 21.93 -9.90
N SER A 294 -0.94 21.93 -8.88
CA SER A 294 -1.96 22.92 -8.64
C SER A 294 -1.95 23.19 -7.14
N PRO A 295 -2.58 24.28 -6.70
CA PRO A 295 -2.70 24.48 -5.24
C PRO A 295 -3.36 23.29 -4.56
N GLU A 296 -4.38 22.72 -5.18
CA GLU A 296 -5.08 21.59 -4.58
C GLU A 296 -4.19 20.36 -4.49
N ALA A 297 -3.36 20.10 -5.50
CA ALA A 297 -2.46 18.95 -5.43
C ALA A 297 -1.46 19.11 -4.30
N LEU A 298 -0.90 20.33 -4.14
CA LEU A 298 0.08 20.55 -3.08
C LEU A 298 -0.57 20.46 -1.71
N ASP A 299 -1.80 20.98 -1.56
CA ASP A 299 -2.44 20.90 -0.26
C ASP A 299 -2.74 19.46 0.11
N PHE A 300 -3.21 18.69 -0.87
CA PHE A 300 -3.49 17.28 -0.63
C PHE A 300 -2.22 16.52 -0.26
N LEU A 301 -1.15 16.70 -1.04
CA LEU A 301 0.09 16.00 -0.75
C LEU A 301 0.61 16.34 0.63
N ASP A 302 0.51 17.63 0.99
CA ASP A 302 0.99 18.09 2.28
C ASP A 302 0.33 17.34 3.43
N LYS A 303 -0.94 16.92 3.24
CA LYS A 303 -1.71 16.29 4.30
C LYS A 303 -1.52 14.80 4.32
N LEU A 304 -0.86 14.24 3.31
CA LEU A 304 -0.50 12.82 3.31
C LEU A 304 0.91 12.64 3.90
N LEU A 305 1.85 13.45 3.45
CA LEU A 305 3.26 13.30 3.83
C LEU A 305 3.54 14.07 5.13
N ARG A 306 3.04 13.50 6.24
N ARG A 306 2.99 13.53 6.22
CA ARG A 306 3.25 14.03 7.58
CA ARG A 306 3.26 14.00 7.56
C ARG A 306 3.86 12.96 8.46
C ARG A 306 3.99 12.91 8.33
N TYR A 307 4.89 13.33 9.22
CA TYR A 307 5.56 12.36 10.08
C TYR A 307 4.54 11.66 10.97
N ASP A 308 3.71 12.43 11.68
CA ASP A 308 2.77 11.84 12.65
C ASP A 308 1.67 11.09 11.91
N HIS A 309 1.71 9.76 11.99
CA HIS A 309 0.74 8.91 11.30
C HIS A 309 -0.68 9.26 11.69
N GLN A 310 -0.91 9.73 12.92
CA GLN A 310 -2.26 10.10 13.36
C GLN A 310 -2.76 11.39 12.72
N SER A 311 -1.89 12.18 12.13
N SER A 311 -1.88 12.17 12.09
CA SER A 311 -2.31 13.43 11.54
CA SER A 311 -2.19 13.47 11.49
C SER A 311 -2.62 13.32 10.06
C SER A 311 -2.41 13.40 9.99
N ARG A 312 -2.20 12.24 9.38
CA ARG A 312 -2.40 12.11 7.93
C ARG A 312 -3.88 12.02 7.62
N LEU A 313 -4.26 12.48 6.42
CA LEU A 313 -5.63 12.19 5.98
C LEU A 313 -5.89 10.70 5.96
N THR A 314 -7.08 10.31 6.37
CA THR A 314 -7.56 8.96 6.08
C THR A 314 -7.95 8.85 4.62
N ALA A 315 -8.20 7.61 4.20
CA ALA A 315 -8.58 7.42 2.80
C ALA A 315 -9.88 8.14 2.47
N ARG A 316 -10.88 8.06 3.35
CA ARG A 316 -12.12 8.76 3.07
C ARG A 316 -11.93 10.26 3.11
N GLU A 317 -11.18 10.79 4.07
CA GLU A 317 -10.92 12.24 4.04
C GLU A 317 -10.20 12.64 2.78
N ALA A 318 -9.26 11.81 2.30
CA ALA A 318 -8.58 12.13 1.05
C ALA A 318 -9.55 12.21 -0.11
N MET A 319 -10.53 11.29 -0.17
CA MET A 319 -11.51 11.33 -1.26
C MET A 319 -12.37 12.58 -1.23
N GLU A 320 -12.49 13.24 -0.08
CA GLU A 320 -13.22 14.49 0.06
C GLU A 320 -12.41 15.70 -0.40
N HIS A 321 -11.13 15.52 -0.69
CA HIS A 321 -10.28 16.69 -0.90
C HIS A 321 -10.65 17.44 -2.20
N PRO A 322 -10.52 18.77 -2.20
CA PRO A 322 -10.75 19.56 -3.45
C PRO A 322 -9.96 19.10 -4.67
N TYR A 323 -8.80 18.46 -4.49
CA TYR A 323 -8.08 17.92 -5.63
C TYR A 323 -8.95 17.04 -6.52
N PHE A 324 -9.96 16.36 -5.94
CA PHE A 324 -10.80 15.46 -6.72
C PHE A 324 -12.10 16.09 -7.19
N TYR A 325 -12.34 17.38 -6.94
CA TYR A 325 -13.58 17.99 -7.41
C TYR A 325 -13.69 17.95 -8.94
N THR A 326 -12.56 17.99 -9.67
N THR A 326 -12.53 17.95 -9.62
CA THR A 326 -12.65 17.96 -11.12
CA THR A 326 -12.44 17.93 -11.07
C THR A 326 -12.80 16.55 -11.68
C THR A 326 -12.84 16.57 -11.64
N VAL A 327 -12.66 15.49 -10.87
CA VAL A 327 -12.84 14.15 -11.39
C VAL A 327 -14.33 13.81 -11.45
N VAL A 328 -14.77 13.33 -12.61
CA VAL A 328 -16.17 12.98 -12.77
C VAL A 328 -16.51 11.85 -11.83
N LYS A 329 -17.58 12.01 -11.06
CA LYS A 329 -17.94 10.93 -10.15
C LYS A 329 -18.79 9.88 -10.86
N ASP A 330 -18.49 8.60 -10.57
CA ASP A 330 -18.96 7.43 -11.34
C ASP A 330 -18.26 7.33 -12.68
C1 IDS B . 14.16 -11.04 5.00
C2 IDS B . 13.66 -9.68 5.46
C3 IDS B . 14.73 -8.59 5.34
C4 IDS B . 15.31 -8.55 3.92
C5 IDS B . 15.76 -9.97 3.53
C6 IDS B . 16.26 -10.01 2.11
O1 IDS B . 15.12 -11.57 5.92
O2 IDS B . 12.57 -9.33 4.62
O3 IDS B . 15.76 -8.85 6.29
O4 IDS B . 14.38 -7.95 3.00
O5 IDS B . 14.72 -10.95 3.68
O6A IDS B . 17.28 -9.34 1.81
O6B IDS B . 15.65 -10.71 1.27
S IDS B . 11.23 -8.89 5.23
O1S IDS B . 11.21 -7.26 5.30
O2S IDS B . 11.08 -9.46 6.54
O3S IDS B . 10.17 -9.35 4.37
C1 SGN B . 14.90 -6.65 2.59
C2 SGN B . 13.78 -5.65 2.23
C3 SGN B . 13.02 -6.06 0.97
C4 SGN B . 13.94 -6.43 -0.18
C5 SGN B . 15.06 -7.34 0.32
C6 SGN B . 16.12 -7.61 -0.74
N2 SGN B . 12.86 -5.46 3.33
O3 SGN B . 12.19 -4.95 0.56
O4 SGN B . 13.13 -7.09 -1.15
O5 SGN B . 15.72 -6.75 1.43
O6 SGN B . 16.37 -6.39 -1.42
S1 SGN B . 13.16 -4.31 4.40
O1S SGN B . 13.75 -3.01 3.62
O2S SGN B . 14.14 -4.79 5.35
O3S SGN B . 11.93 -4.02 5.07
S2 SGN B . 17.69 -6.12 -2.16
O4S SGN B . 17.81 -4.68 -2.33
O5S SGN B . 18.79 -6.64 -1.38
O6S SGN B . 17.67 -6.87 -3.62
C1 IDS B . 13.33 -6.55 -2.47
C2 IDS B . 12.90 -7.62 -3.49
C3 IDS B . 11.39 -7.81 -3.51
C4 IDS B . 10.70 -6.46 -3.67
C5 IDS B . 11.17 -5.53 -2.56
C6 IDS B . 10.50 -4.19 -2.68
O2 IDS B . 13.34 -7.24 -4.78
O3 IDS B . 10.95 -8.43 -2.29
O4 IDS B . 11.01 -5.89 -4.95
O5 IDS B . 12.58 -5.35 -2.65
O6A IDS B . 11.21 -3.19 -2.94
O6B IDS B . 9.26 -4.13 -2.52
S IDS B . 14.15 -8.21 -5.68
O1S IDS B . 14.74 -7.40 -6.71
O2S IDS B . 15.17 -8.87 -4.92
O3S IDS B . 13.15 -9.33 -6.32
C1 SGN B . 9.80 -5.73 -5.72
C2 SGN B . 10.08 -6.11 -7.16
C3 SGN B . 11.13 -5.20 -7.77
C4 SGN B . 10.74 -3.73 -7.61
C5 SGN B . 10.34 -3.46 -6.15
C6 SGN B . 9.75 -2.05 -5.94
N2 SGN B . 10.59 -7.46 -7.17
O3 SGN B . 11.26 -5.51 -9.15
O4 SGN B . 11.92 -3.00 -7.93
O5 SGN B . 9.33 -4.38 -5.72
O6 SGN B . 8.61 -1.87 -6.79
S1 SGN B . 9.57 -8.68 -7.23
O1S SGN B . 10.32 -9.86 -7.57
O2S SGN B . 8.91 -8.87 -5.98
O3S SGN B . 8.47 -8.38 -8.41
S2 SGN B . 8.17 -0.41 -7.07
O4S SGN B . 9.20 0.17 -8.20
O5S SGN B . 8.32 0.31 -5.83
O6S SGN B . 6.80 -0.39 -7.53
C1 IDS B . 11.71 -1.89 -8.84
C2 IDS B . 13.00 -1.07 -8.78
C3 IDS B . 14.17 -1.78 -9.45
C4 IDS B . 13.81 -2.34 -10.83
C5 IDS B . 12.46 -3.08 -10.77
C6 IDS B . 12.04 -3.49 -12.15
O2 IDS B . 12.80 0.22 -9.35
O3 IDS B . 14.65 -2.85 -8.62
O4 IDS B . 13.80 -1.29 -11.81
O5 IDS B . 11.43 -2.27 -10.19
O6A IDS B . 12.91 -3.67 -13.03
O6B IDS B . 10.81 -3.65 -12.34
S IDS B . 13.08 1.39 -8.40
O1S IDS B . 14.50 1.67 -8.40
O2S IDS B . 12.60 0.92 -6.91
O3S IDS B . 12.34 2.57 -8.79
C1 GOL C . -1.83 -25.62 -12.70
C1 GOL C . -1.66 -25.55 -13.23
O1 GOL C . -1.39 -26.76 -12.05
O1 GOL C . -2.23 -26.37 -14.22
C2 GOL C . -2.73 -24.89 -11.69
C2 GOL C . -2.81 -24.77 -12.57
O2 GOL C . -3.93 -25.56 -11.46
O2 GOL C . -3.93 -25.57 -12.39
C3 GOL C . -1.90 -24.76 -10.42
C3 GOL C . -2.27 -24.23 -11.20
O3 GOL C . -0.82 -23.93 -10.72
O3 GOL C . -0.94 -23.84 -11.37
N NIO D . -0.55 -10.50 -10.56
C1 NIO D . -0.29 -10.64 -9.26
C2 NIO D . -1.35 -10.59 -8.36
C3 NIO D . -2.65 -10.41 -8.82
C4 NIO D . -2.87 -10.27 -10.19
C5 NIO D . -1.78 -10.30 -11.04
C6 NIO D . -1.12 -10.71 -6.86
O1 NIO D . -0.01 -11.03 -6.39
O2 NIO D . -2.07 -10.43 -6.12
#